data_8ARA
#
_entry.id   8ARA
#
_cell.length_a   44.318
_cell.length_b   94.852
_cell.length_c   101.369
_cell.angle_alpha   90.000
_cell.angle_beta   90.000
_cell.angle_gamma   90.000
#
_symmetry.space_group_name_H-M   'P 21 21 21'
#
loop_
_entity.id
_entity.type
_entity.pdbx_description
1 polymer 'Chaperone protein YscY'
2 polymer AscX
3 non-polymer GLYCEROL
4 non-polymer 'ACETATE ION'
5 non-polymer 'CHLORIDE ION'
6 water water
#
loop_
_entity_poly.entity_id
_entity_poly.type
_entity_poly.pdbx_seq_one_letter_code
_entity_poly.pdbx_strand_id
1 'polypeptide(L)'
;MGHHHHHHGNITLTKRQQEFLLLNGWLQLQCGHAERACILLDALLTLNPEHLAGRRCRLVALLNNNQGERAEKEAQWLIS
HDPLQAGNWLCLSRAQQLNGDLDKARHAYQHYLELKDHNESP
;
A,C
2 'polypeptide(L)'
;GAMALLPDGQSIEPHISRLYPERLADRALLDFATPHRGFHDLLRPVDFHQAMQGLRSVLAEGQSPELRAAAILLEQMHAD
EQLMQMTLHLLHKV
;
B,D
#
# COMPACT_ATOMS: atom_id res chain seq x y z
N ASN A 10 2.21 25.43 22.38
CA ASN A 10 3.03 25.57 21.18
C ASN A 10 3.69 24.24 20.82
N ILE A 11 3.49 23.80 19.57
CA ILE A 11 3.99 22.53 19.08
C ILE A 11 4.85 22.79 17.85
N THR A 12 5.97 22.05 17.75
CA THR A 12 6.87 22.17 16.62
C THR A 12 7.43 20.81 16.26
N LEU A 13 7.70 20.61 14.98
CA LEU A 13 8.41 19.43 14.49
C LEU A 13 9.79 19.83 14.01
N THR A 14 10.77 18.98 14.30
CA THR A 14 12.11 19.21 13.77
C THR A 14 12.14 18.91 12.27
N LYS A 15 13.28 19.22 11.65
CA LYS A 15 13.40 19.03 10.21
C LYS A 15 13.25 17.57 9.83
N ARG A 16 13.95 16.68 10.56
CA ARG A 16 13.84 15.25 10.26
C ARG A 16 12.45 14.72 10.54
N GLN A 17 11.78 15.26 11.56
CA GLN A 17 10.41 14.83 11.85
C GLN A 17 9.44 15.27 10.76
N GLN A 18 9.63 16.48 10.24
CA GLN A 18 8.79 16.93 9.12
C GLN A 18 8.96 16.02 7.91
N GLU A 19 10.18 15.54 7.66
CA GLU A 19 10.40 14.66 6.52
C GLU A 19 9.84 13.27 6.80
N PHE A 20 10.00 12.79 8.02
CA PHE A 20 9.43 11.49 8.39
C PHE A 20 7.90 11.51 8.27
N LEU A 21 7.26 12.58 8.75
CA LEU A 21 5.82 12.69 8.59
C LEU A 21 5.43 12.83 7.12
N LEU A 22 6.27 13.49 6.31
CA LEU A 22 5.97 13.61 4.89
C LEU A 22 6.11 12.28 4.15
N LEU A 23 7.14 11.50 4.48
CA LEU A 23 7.33 10.22 3.81
C LEU A 23 6.22 9.24 4.14
N ASN A 24 5.73 9.28 5.38
CA ASN A 24 4.62 8.42 5.75
C ASN A 24 3.32 8.86 5.07
N GLY A 25 3.15 10.17 4.89
CA GLY A 25 2.00 10.64 4.14
C GLY A 25 2.06 10.23 2.68
N TRP A 26 3.26 10.28 2.09
CA TRP A 26 3.42 9.82 0.71
C TRP A 26 3.26 8.31 0.62
N LEU A 27 3.78 7.57 1.60
CA LEU A 27 3.63 6.12 1.61
C LEU A 27 2.16 5.71 1.50
N GLN A 28 1.30 6.34 2.32
CA GLN A 28 -0.12 6.01 2.28
C GLN A 28 -0.74 6.40 0.93
N LEU A 29 -0.28 7.50 0.34
CA LEU A 29 -0.75 7.87 -0.99
C LEU A 29 -0.30 6.86 -2.03
N GLN A 30 1.01 6.60 -2.09
CA GLN A 30 1.55 5.68 -3.08
C GLN A 30 0.96 4.29 -2.93
N CYS A 31 0.59 3.90 -1.72
CA CYS A 31 0.05 2.58 -1.46
C CYS A 31 -1.47 2.53 -1.49
N GLY A 32 -2.12 3.61 -1.91
CA GLY A 32 -3.56 3.57 -2.13
C GLY A 32 -4.40 3.80 -0.90
N HIS A 33 -3.91 4.60 0.04
CA HIS A 33 -4.66 5.02 1.22
C HIS A 33 -4.74 6.54 1.20
N ALA A 34 -5.59 7.08 0.31
CA ALA A 34 -5.59 8.51 0.07
C ALA A 34 -6.03 9.29 1.30
N GLU A 35 -7.02 8.78 2.02
CA GLU A 35 -7.53 9.51 3.18
C GLU A 35 -6.49 9.55 4.30
N ARG A 36 -5.76 8.45 4.52
CA ARG A 36 -4.68 8.46 5.50
C ARG A 36 -3.60 9.46 5.12
N ALA A 37 -3.31 9.58 3.83
CA ALA A 37 -2.33 10.58 3.39
C ALA A 37 -2.80 11.99 3.75
N CYS A 38 -4.08 12.29 3.52
CA CYS A 38 -4.61 13.60 3.86
C CYS A 38 -4.57 13.85 5.36
N ILE A 39 -4.86 12.82 6.16
CA ILE A 39 -4.87 13.00 7.61
C ILE A 39 -3.47 13.32 8.11
N LEU A 40 -2.46 12.61 7.60
CA LEU A 40 -1.09 12.82 8.05
C LEU A 40 -0.54 14.15 7.54
N LEU A 41 -0.82 14.49 6.28
CA LEU A 41 -0.28 15.70 5.69
C LEU A 41 -1.00 16.96 6.15
N ASP A 42 -2.27 16.84 6.58
CA ASP A 42 -2.93 17.97 7.23
C ASP A 42 -2.22 18.36 8.51
N ALA A 43 -1.79 17.37 9.29
CA ALA A 43 -1.06 17.67 10.53
C ALA A 43 0.30 18.28 10.21
N LEU A 44 0.99 17.76 9.18
CA LEU A 44 2.24 18.36 8.76
C LEU A 44 2.05 19.82 8.38
N LEU A 45 1.09 20.10 7.52
CA LEU A 45 0.87 21.46 7.03
C LEU A 45 0.19 22.37 8.03
N THR A 46 -0.39 21.82 9.10
CA THR A 46 -0.84 22.67 10.20
C THR A 46 0.35 23.25 10.96
N LEU A 47 1.38 22.43 11.18
CA LEU A 47 2.56 22.86 11.91
C LEU A 47 3.59 23.56 11.04
N ASN A 48 3.58 23.31 9.73
CA ASN A 48 4.45 24.02 8.79
C ASN A 48 3.68 24.19 7.49
N PRO A 49 2.85 25.23 7.41
CA PRO A 49 2.03 25.43 6.20
C PRO A 49 2.83 25.84 4.97
N GLU A 50 4.10 26.17 5.11
CA GLU A 50 4.93 26.55 3.98
C GLU A 50 5.69 25.38 3.37
N HIS A 51 5.48 24.16 3.87
CA HIS A 51 6.14 22.97 3.34
C HIS A 51 5.58 22.66 1.96
N LEU A 52 6.34 22.98 0.91
CA LEU A 52 5.83 22.79 -0.44
C LEU A 52 5.66 21.32 -0.79
N ALA A 53 6.66 20.49 -0.48
CA ALA A 53 6.56 19.06 -0.80
C ALA A 53 5.34 18.43 -0.13
N GLY A 54 4.98 18.89 1.08
CA GLY A 54 3.76 18.43 1.69
C GLY A 54 2.51 19.00 1.04
N ARG A 55 2.58 20.26 0.60
CA ARG A 55 1.49 20.85 -0.16
C ARG A 55 1.20 20.05 -1.42
N ARG A 56 2.26 19.67 -2.15
CA ARG A 56 2.07 18.92 -3.38
C ARG A 56 1.55 17.52 -3.10
N CYS A 57 2.07 16.87 -2.06
CA CYS A 57 1.62 15.51 -1.76
C CYS A 57 0.16 15.51 -1.30
N ARG A 58 -0.20 16.44 -0.39
CA ARG A 58 -1.58 16.50 0.07
C ARG A 58 -2.53 16.84 -1.09
N LEU A 59 -2.08 17.69 -2.01
CA LEU A 59 -2.90 18.03 -3.16
C LEU A 59 -3.29 16.80 -3.96
N VAL A 60 -2.30 16.00 -4.37
CA VAL A 60 -2.60 14.79 -5.11
C VAL A 60 -3.35 13.79 -4.23
N ALA A 61 -3.07 13.80 -2.92
CA ALA A 61 -3.83 12.95 -2.01
C ALA A 61 -5.30 13.36 -1.98
N LEU A 62 -5.58 14.66 -1.96
CA LEU A 62 -6.97 15.11 -2.00
C LEU A 62 -7.64 14.73 -3.31
N LEU A 63 -6.90 14.72 -4.42
CA LEU A 63 -7.48 14.31 -5.69
C LEU A 63 -7.92 12.85 -5.62
N ASN A 64 -7.03 11.97 -5.16
CA ASN A 64 -7.34 10.55 -5.07
C ASN A 64 -8.41 10.26 -4.02
N ASN A 65 -8.62 11.17 -3.07
CA ASN A 65 -9.68 11.04 -2.09
C ASN A 65 -10.98 11.68 -2.55
N ASN A 66 -11.06 12.08 -3.82
CA ASN A 66 -12.28 12.63 -4.41
C ASN A 66 -12.73 13.90 -3.69
N GLN A 67 -11.80 14.71 -3.21
CA GLN A 67 -12.09 15.97 -2.54
C GLN A 67 -11.74 17.13 -3.47
N GLY A 68 -12.54 17.29 -4.53
CA GLY A 68 -12.23 18.27 -5.55
C GLY A 68 -12.33 19.70 -5.06
N GLU A 69 -13.17 19.97 -4.07
CA GLU A 69 -13.30 21.33 -3.54
C GLU A 69 -12.02 21.77 -2.83
N ARG A 70 -11.59 20.99 -1.82
CA ARG A 70 -10.34 21.31 -1.14
C ARG A 70 -9.15 21.29 -2.09
N ALA A 71 -9.17 20.41 -3.09
CA ALA A 71 -8.06 20.32 -4.02
C ALA A 71 -7.92 21.58 -4.86
N GLU A 72 -9.05 22.16 -5.26
CA GLU A 72 -9.02 23.35 -6.10
C GLU A 72 -8.34 24.51 -5.36
N LYS A 73 -8.73 24.74 -4.10
CA LYS A 73 -8.10 25.81 -3.32
C LYS A 73 -6.62 25.55 -3.12
N GLU A 74 -6.24 24.29 -2.87
CA GLU A 74 -4.83 23.95 -2.70
C GLU A 74 -4.06 24.06 -4.00
N ALA A 75 -4.71 23.78 -5.13
CA ALA A 75 -4.07 24.01 -6.42
C ALA A 75 -3.87 25.50 -6.67
N GLN A 76 -4.83 26.33 -6.25
CA GLN A 76 -4.67 27.77 -6.36
C GLN A 76 -3.55 28.27 -5.47
N TRP A 77 -3.45 27.74 -4.25
CA TRP A 77 -2.40 28.16 -3.33
C TRP A 77 -1.02 27.96 -3.95
N LEU A 78 -0.78 26.78 -4.54
CA LEU A 78 0.52 26.52 -5.15
C LEU A 78 0.72 27.35 -6.42
N ILE A 79 -0.35 27.63 -7.16
CA ILE A 79 -0.24 28.50 -8.32
C ILE A 79 0.19 29.90 -7.89
N SER A 80 -0.26 30.34 -6.71
CA SER A 80 0.10 31.66 -6.22
C SER A 80 1.53 31.70 -5.71
N HIS A 81 1.89 30.78 -4.81
CA HIS A 81 3.19 30.78 -4.15
C HIS A 81 4.29 30.08 -4.95
N ASP A 82 3.95 29.47 -6.09
CA ASP A 82 4.94 28.80 -6.94
C ASP A 82 4.40 28.70 -8.36
N PRO A 83 4.35 29.81 -9.10
CA PRO A 83 3.69 29.79 -10.42
C PRO A 83 4.51 29.14 -11.51
N LEU A 84 5.79 28.84 -11.27
CA LEU A 84 6.63 28.27 -12.30
C LEU A 84 6.35 26.78 -12.52
N GLN A 85 5.88 26.08 -11.50
CA GLN A 85 5.73 24.64 -11.57
C GLN A 85 4.49 24.27 -12.37
N ALA A 86 4.69 23.57 -13.49
CA ALA A 86 3.57 23.23 -14.37
C ALA A 86 2.60 22.26 -13.72
N GLY A 87 3.10 21.40 -12.83
CA GLY A 87 2.24 20.42 -12.17
C GLY A 87 1.11 21.01 -11.37
N ASN A 88 1.21 22.31 -11.01
CA ASN A 88 0.14 22.94 -10.25
C ASN A 88 -1.14 23.02 -11.08
N TRP A 89 -1.01 23.35 -12.37
CA TRP A 89 -2.19 23.50 -13.21
C TRP A 89 -2.79 22.16 -13.59
N LEU A 90 -1.97 21.11 -13.62
CA LEU A 90 -2.49 19.76 -13.82
C LEU A 90 -3.36 19.34 -12.65
N CYS A 91 -2.96 19.72 -11.44
CA CYS A 91 -3.78 19.43 -10.25
C CYS A 91 -5.07 20.24 -10.27
N LEU A 92 -4.98 21.52 -10.62
CA LEU A 92 -6.19 22.34 -10.75
C LEU A 92 -7.12 21.77 -11.81
N SER A 93 -6.54 21.26 -12.91
CA SER A 93 -7.36 20.65 -13.95
C SER A 93 -8.14 19.45 -13.42
N ARG A 94 -7.47 18.57 -12.66
CA ARG A 94 -8.14 17.39 -12.14
C ARG A 94 -9.20 17.77 -11.11
N ALA A 95 -8.91 18.75 -10.25
CA ALA A 95 -9.87 19.14 -9.23
C ALA A 95 -11.12 19.75 -9.86
N GLN A 96 -10.93 20.67 -10.80
CA GLN A 96 -12.08 21.26 -11.49
C GLN A 96 -12.83 20.21 -12.29
N GLN A 97 -12.14 19.16 -12.74
CA GLN A 97 -12.82 18.05 -13.40
C GLN A 97 -13.68 17.27 -12.42
N LEU A 98 -13.16 17.00 -11.22
CA LEU A 98 -13.94 16.32 -10.19
C LEU A 98 -15.11 17.17 -9.72
N ASN A 99 -14.99 18.49 -9.84
CA ASN A 99 -16.05 19.42 -9.45
C ASN A 99 -17.09 19.63 -10.54
N GLY A 100 -16.92 19.01 -11.71
CA GLY A 100 -17.91 19.08 -12.77
C GLY A 100 -17.68 20.19 -13.79
N ASP A 101 -16.85 21.19 -13.47
CA ASP A 101 -16.58 22.31 -14.37
C ASP A 101 -15.54 21.87 -15.40
N LEU A 102 -16.04 21.22 -16.46
CA LEU A 102 -15.15 20.70 -17.49
C LEU A 102 -14.51 21.82 -18.30
N ASP A 103 -15.19 22.96 -18.44
CA ASP A 103 -14.62 24.08 -19.17
C ASP A 103 -13.36 24.61 -18.47
N LYS A 104 -13.45 24.84 -17.17
CA LYS A 104 -12.28 25.27 -16.41
C LYS A 104 -11.18 24.22 -16.45
N ALA A 105 -11.56 22.94 -16.28
CA ALA A 105 -10.56 21.87 -16.28
C ALA A 105 -9.80 21.81 -17.60
N ARG A 106 -10.46 22.13 -18.71
CA ARG A 106 -9.78 22.13 -19.99
C ARG A 106 -8.83 23.32 -20.11
N HIS A 107 -9.23 24.48 -19.60
CA HIS A 107 -8.36 25.65 -19.64
C HIS A 107 -7.13 25.46 -18.77
N ALA A 108 -7.31 24.89 -17.58
CA ALA A 108 -6.17 24.63 -16.71
C ALA A 108 -5.23 23.58 -17.31
N TYR A 109 -5.77 22.65 -18.11
CA TYR A 109 -4.92 21.67 -18.75
C TYR A 109 -4.08 22.30 -19.85
N GLN A 110 -4.61 23.30 -20.55
CA GLN A 110 -3.85 23.96 -21.59
C GLN A 110 -2.64 24.67 -21.02
N HIS A 111 -2.84 25.41 -19.92
CA HIS A 111 -1.71 26.06 -19.26
C HIS A 111 -0.69 25.04 -18.75
N TYR A 112 -1.15 23.85 -18.37
CA TYR A 112 -0.21 22.79 -18.03
C TYR A 112 0.65 22.40 -19.22
N LEU A 113 0.04 22.26 -20.40
CA LEU A 113 0.80 21.91 -21.59
C LEU A 113 1.74 23.02 -22.01
N GLU A 114 1.29 24.27 -21.91
CA GLU A 114 2.12 25.40 -22.28
C GLU A 114 3.32 25.53 -21.35
N LEU A 115 3.08 25.47 -20.04
CA LEU A 115 4.16 25.66 -19.08
C LEU A 115 5.18 24.53 -19.11
N LYS A 116 4.79 23.35 -19.61
CA LYS A 116 5.76 22.26 -19.75
C LYS A 116 6.82 22.57 -20.80
N ASP A 117 6.45 23.32 -21.84
CA ASP A 117 7.38 23.65 -22.91
C ASP A 117 8.21 24.90 -22.61
N HIS A 118 7.87 25.65 -21.57
CA HIS A 118 8.62 26.83 -21.13
C HIS A 118 8.74 27.89 -22.22
N ARG B 18 -2.63 10.62 -30.93
CA ARG B 18 -3.63 11.28 -30.09
C ARG B 18 -3.23 12.71 -29.77
N LEU B 19 -4.22 13.62 -29.77
CA LEU B 19 -3.94 15.04 -29.63
C LEU B 19 -3.37 15.39 -28.27
N TYR B 20 -3.97 14.87 -27.21
CA TYR B 20 -3.61 15.23 -25.85
C TYR B 20 -3.07 14.02 -25.10
N PRO B 21 -1.93 14.15 -24.38
CA PRO B 21 -1.32 13.03 -23.68
C PRO B 21 -1.96 12.75 -22.31
N GLU B 22 -3.28 12.57 -22.30
CA GLU B 22 -3.98 12.34 -21.05
C GLU B 22 -3.63 11.00 -20.43
N ARG B 23 -3.12 10.05 -21.21
CA ARG B 23 -2.69 8.77 -20.66
C ARG B 23 -1.52 8.92 -19.70
N LEU B 24 -0.76 10.00 -19.82
CA LEU B 24 0.37 10.29 -18.94
C LEU B 24 0.00 11.22 -17.80
N ALA B 25 -1.28 11.60 -17.68
CA ALA B 25 -1.70 12.54 -16.65
C ALA B 25 -1.58 11.93 -15.26
N ASP B 26 -2.07 10.69 -15.09
CA ASP B 26 -2.01 10.06 -13.77
C ASP B 26 -0.57 9.88 -13.33
N ARG B 27 0.29 9.40 -14.23
CA ARG B 27 1.70 9.22 -13.88
C ARG B 27 2.35 10.55 -13.52
N ALA B 28 1.96 11.64 -14.18
CA ALA B 28 2.55 12.94 -13.89
C ALA B 28 2.08 13.46 -12.54
N LEU B 29 0.83 13.19 -12.17
CA LEU B 29 0.33 13.65 -10.87
C LEU B 29 1.07 12.97 -9.72
N LEU B 30 1.33 11.67 -9.85
CA LEU B 30 1.97 10.93 -8.76
C LEU B 30 3.47 11.18 -8.71
N ASP B 31 4.11 11.50 -9.84
CA ASP B 31 5.47 12.01 -9.80
C ASP B 31 5.50 13.37 -9.11
N PHE B 32 4.52 14.23 -9.42
CA PHE B 32 4.43 15.55 -8.80
C PHE B 32 4.33 15.44 -7.29
N ALA B 33 3.60 14.44 -6.78
CA ALA B 33 3.44 14.27 -5.34
C ALA B 33 4.65 13.62 -4.68
N THR B 34 5.56 13.03 -5.44
CA THR B 34 6.69 12.31 -4.87
C THR B 34 7.68 13.28 -4.26
N PRO B 35 7.98 13.20 -2.97
CA PRO B 35 8.99 14.08 -2.39
C PRO B 35 10.40 13.67 -2.78
N HIS B 36 11.28 14.66 -2.84
CA HIS B 36 12.69 14.41 -3.18
C HIS B 36 13.56 14.35 -1.93
N ASP B 47 16.37 5.40 12.17
CA ASP B 47 15.61 4.20 12.52
C ASP B 47 14.12 4.49 12.52
N PHE B 48 13.34 3.58 11.93
CA PHE B 48 11.93 3.84 11.73
C PHE B 48 11.17 3.79 13.04
N HIS B 49 11.39 2.75 13.85
CA HIS B 49 10.66 2.60 15.09
C HIS B 49 10.89 3.78 16.03
N GLN B 50 12.15 4.23 16.15
CA GLN B 50 12.44 5.36 17.02
C GLN B 50 11.79 6.62 16.49
N ALA B 51 11.85 6.85 15.18
CA ALA B 51 11.28 8.06 14.60
C ALA B 51 9.77 8.08 14.73
N MET B 52 9.12 6.93 14.57
CA MET B 52 7.67 6.88 14.72
C MET B 52 7.25 7.18 16.16
N GLN B 53 7.94 6.58 17.13
CA GLN B 53 7.62 6.84 18.53
C GLN B 53 7.86 8.30 18.91
N GLY B 54 8.79 8.96 18.25
CA GLY B 54 9.07 10.35 18.53
C GLY B 54 8.02 11.26 17.96
N LEU B 55 7.58 10.96 16.73
CA LEU B 55 6.54 11.76 16.08
C LEU B 55 5.21 11.62 16.79
N ARG B 56 4.81 10.39 17.12
CA ARG B 56 3.63 10.19 17.95
C ARG B 56 3.73 10.95 19.25
N SER B 57 4.93 11.02 19.83
CA SER B 57 5.10 11.77 21.09
C SER B 57 4.75 13.23 20.92
N VAL B 58 5.16 13.83 19.79
CA VAL B 58 4.92 15.26 19.59
C VAL B 58 3.48 15.52 19.19
N LEU B 59 2.94 14.72 18.26
CA LEU B 59 1.57 14.94 17.80
C LEU B 59 0.56 14.66 18.91
N ALA B 60 0.94 13.89 19.93
CA ALA B 60 0.04 13.58 21.04
C ALA B 60 -0.28 14.81 21.88
N GLU B 61 0.51 15.87 21.78
CA GLU B 61 0.26 17.07 22.57
C GLU B 61 -0.58 18.10 21.82
N GLY B 62 -0.75 17.97 20.51
CA GLY B 62 -1.53 18.93 19.77
C GLY B 62 -3.01 18.83 20.09
N GLN B 63 -3.64 19.97 20.23
CA GLN B 63 -5.07 20.03 20.56
C GLN B 63 -5.94 20.32 19.36
N SER B 64 -5.37 20.76 18.25
CA SER B 64 -6.15 21.00 17.04
C SER B 64 -6.74 19.70 16.53
N PRO B 65 -7.82 19.75 15.75
CA PRO B 65 -8.37 18.52 15.19
C PRO B 65 -7.40 17.80 14.26
N GLU B 66 -6.57 18.55 13.52
CA GLU B 66 -5.64 17.91 12.59
C GLU B 66 -4.65 17.03 13.32
N LEU B 67 -4.02 17.56 14.38
CA LEU B 67 -3.02 16.80 15.11
C LEU B 67 -3.68 15.66 15.90
N ARG B 68 -4.86 15.91 16.46
CA ARG B 68 -5.55 14.85 17.19
C ARG B 68 -6.02 13.73 16.26
N ALA B 69 -6.33 14.07 15.00
CA ALA B 69 -6.71 13.03 14.05
C ALA B 69 -5.51 12.21 13.61
N ALA B 70 -4.35 12.87 13.41
CA ALA B 70 -3.17 12.15 12.96
C ALA B 70 -2.57 11.32 14.07
N ALA B 71 -2.70 11.78 15.33
CA ALA B 71 -2.19 10.99 16.45
C ALA B 71 -2.98 9.71 16.61
N ILE B 72 -4.32 9.77 16.46
CA ILE B 72 -5.12 8.56 16.53
C ILE B 72 -4.79 7.62 15.38
N LEU B 73 -4.55 8.17 14.19
CA LEU B 73 -4.25 7.33 13.03
C LEU B 73 -2.93 6.59 13.21
N LEU B 74 -1.87 7.33 13.59
CA LEU B 74 -0.57 6.70 13.80
C LEU B 74 -0.64 5.64 14.90
N GLU B 75 -1.56 5.81 15.85
CA GLU B 75 -1.73 4.78 16.88
C GLU B 75 -2.44 3.57 16.32
N GLN B 76 -3.40 3.78 15.41
CA GLN B 76 -4.10 2.66 14.79
C GLN B 76 -3.17 1.84 13.91
N MET B 77 -2.21 2.47 13.24
CA MET B 77 -1.26 1.78 12.40
C MET B 77 -0.04 1.28 13.16
N HIS B 78 -0.11 1.23 14.49
CA HIS B 78 1.04 0.84 15.30
C HIS B 78 1.45 -0.60 15.02
N ALA B 79 0.48 -1.49 14.83
CA ALA B 79 0.80 -2.88 14.54
C ALA B 79 1.36 -3.09 13.15
N ASP B 80 1.42 -2.04 12.34
CA ASP B 80 1.90 -2.13 10.96
C ASP B 80 3.26 -1.47 10.76
N GLU B 81 3.98 -1.17 11.85
CA GLU B 81 5.25 -0.46 11.72
C GLU B 81 6.25 -1.23 10.86
N GLN B 82 6.34 -2.55 11.08
CA GLN B 82 7.28 -3.34 10.30
C GLN B 82 6.89 -3.36 8.83
N LEU B 83 5.60 -3.43 8.53
CA LEU B 83 5.15 -3.40 7.14
C LEU B 83 5.44 -2.05 6.50
N MET B 84 5.18 -0.95 7.23
CA MET B 84 5.44 0.38 6.70
C MET B 84 6.93 0.59 6.44
N GLN B 85 7.78 0.17 7.39
CA GLN B 85 9.23 0.34 7.20
C GLN B 85 9.72 -0.52 6.05
N MET B 86 9.21 -1.75 5.95
CA MET B 86 9.62 -2.63 4.87
C MET B 86 9.23 -2.06 3.51
N THR B 87 8.00 -1.56 3.37
CA THR B 87 7.56 -1.02 2.10
C THR B 87 8.36 0.22 1.71
N LEU B 88 8.55 1.14 2.67
CA LEU B 88 9.36 2.32 2.39
C LEU B 88 10.79 1.93 2.03
N HIS B 89 11.30 0.87 2.63
CA HIS B 89 12.65 0.40 2.30
C HIS B 89 12.70 -0.14 0.88
N LEU B 90 11.65 -0.85 0.45
CA LEU B 90 11.62 -1.38 -0.91
C LEU B 90 11.46 -0.26 -1.93
N LEU B 91 10.72 0.79 -1.59
CA LEU B 91 10.57 1.96 -2.46
C LEU B 91 11.80 2.85 -2.45
N HIS B 92 12.88 2.43 -1.75
CA HIS B 92 14.15 3.16 -1.70
C HIS B 92 13.97 4.57 -1.15
N LYS B 93 13.21 4.67 -0.05
CA LYS B 93 12.95 5.95 0.60
C LYS B 93 13.44 6.00 2.04
N VAL B 94 13.27 4.92 2.80
CA VAL B 94 13.74 4.88 4.19
C VAL B 94 14.64 3.68 4.42
N ILE C 11 -12.22 -22.84 -17.28
CA ILE C 11 -11.51 -21.60 -16.96
C ILE C 11 -10.13 -21.95 -16.40
N THR C 12 -9.08 -21.56 -17.12
CA THR C 12 -7.71 -21.74 -16.67
C THR C 12 -6.93 -20.46 -16.91
N LEU C 13 -5.86 -20.30 -16.13
CA LEU C 13 -4.94 -19.19 -16.28
C LEU C 13 -3.63 -19.70 -16.84
N THR C 14 -3.04 -18.94 -17.77
CA THR C 14 -1.70 -19.25 -18.25
C THR C 14 -0.70 -19.02 -17.13
N LYS C 15 0.49 -19.60 -17.30
CA LYS C 15 1.54 -19.45 -16.29
C LYS C 15 1.89 -17.98 -16.08
N ARG C 16 1.93 -17.20 -17.17
CA ARG C 16 2.15 -15.75 -17.02
C ARG C 16 0.98 -15.09 -16.32
N GLN C 17 -0.25 -15.49 -16.65
CA GLN C 17 -1.42 -14.91 -15.99
C GLN C 17 -1.41 -15.22 -14.50
N GLN C 18 -1.06 -16.45 -14.13
CA GLN C 18 -0.98 -16.81 -12.71
C GLN C 18 0.01 -15.92 -11.99
N GLU C 19 1.16 -15.62 -12.60
CA GLU C 19 2.15 -14.77 -11.96
CA GLU C 19 2.15 -14.77 -11.96
C GLU C 19 1.66 -13.33 -11.85
N PHE C 20 0.89 -12.87 -12.85
CA PHE C 20 0.39 -11.51 -12.80
C PHE C 20 -0.65 -11.33 -11.71
N LEU C 21 -1.53 -12.32 -11.54
CA LEU C 21 -2.49 -12.27 -10.43
C LEU C 21 -1.79 -12.45 -9.09
N LEU C 22 -0.72 -13.24 -9.04
CA LEU C 22 0.06 -13.36 -7.81
C LEU C 22 0.70 -12.04 -7.44
N LEU C 23 1.28 -11.35 -8.42
CA LEU C 23 1.95 -10.07 -8.13
C LEU C 23 0.97 -9.02 -7.65
N ASN C 24 -0.21 -8.97 -8.27
CA ASN C 24 -1.23 -8.01 -7.82
C ASN C 24 -1.76 -8.37 -6.44
N GLY C 25 -1.85 -9.66 -6.11
CA GLY C 25 -2.21 -10.04 -4.76
C GLY C 25 -1.16 -9.63 -3.75
N TRP C 26 0.12 -9.84 -4.08
CA TRP C 26 1.19 -9.46 -3.19
C TRP C 26 1.29 -7.94 -3.06
N LEU C 27 1.01 -7.21 -4.15
CA LEU C 27 1.02 -5.75 -4.10
C LEU C 27 0.03 -5.24 -3.06
N GLN C 28 -1.19 -5.78 -3.09
CA GLN C 28 -2.20 -5.35 -2.12
C GLN C 28 -1.81 -5.71 -0.71
N LEU C 29 -1.12 -6.84 -0.54
CA LEU C 29 -0.62 -7.22 0.78
C LEU C 29 0.45 -6.25 1.26
N GLN C 30 1.44 -5.97 0.40
CA GLN C 30 2.54 -5.11 0.81
C GLN C 30 2.06 -3.71 1.14
N CYS C 31 1.00 -3.24 0.47
CA CYS C 31 0.47 -1.89 0.64
C CYS C 31 -0.67 -1.81 1.65
N GLY C 32 -0.81 -2.82 2.52
CA GLY C 32 -1.77 -2.71 3.61
C GLY C 32 -3.22 -2.84 3.21
N HIS C 33 -3.50 -3.58 2.14
CA HIS C 33 -4.86 -3.93 1.75
C HIS C 33 -5.01 -5.44 1.85
N ALA C 34 -5.03 -5.95 3.08
CA ALA C 34 -4.96 -7.40 3.28
C ALA C 34 -6.18 -8.11 2.70
N GLU C 35 -7.36 -7.49 2.82
CA GLU C 35 -8.55 -8.15 2.30
C GLU C 35 -8.53 -8.23 0.78
N ARG C 36 -7.95 -7.23 0.11
CA ARG C 36 -7.83 -7.30 -1.35
C ARG C 36 -6.87 -8.40 -1.76
N ALA C 37 -5.78 -8.56 -1.01
CA ALA C 37 -4.86 -9.67 -1.26
C ALA C 37 -5.59 -11.00 -1.14
N CYS C 38 -6.41 -11.14 -0.10
CA CYS C 38 -7.12 -12.40 0.10
C CYS C 38 -8.11 -12.66 -1.02
N ILE C 39 -8.81 -11.62 -1.48
CA ILE C 39 -9.77 -11.79 -2.57
C ILE C 39 -9.06 -12.19 -3.86
N LEU C 40 -7.96 -11.51 -4.18
CA LEU C 40 -7.25 -11.82 -5.42
C LEU C 40 -6.59 -13.19 -5.35
N LEU C 41 -6.05 -13.56 -4.19
CA LEU C 41 -5.32 -14.82 -4.09
C LEU C 41 -6.26 -16.01 -3.92
N ASP C 42 -7.44 -15.80 -3.33
CA ASP C 42 -8.46 -16.85 -3.33
C ASP C 42 -8.79 -17.29 -4.75
N ALA C 43 -8.88 -16.33 -5.68
CA ALA C 43 -9.21 -16.70 -7.05
C ALA C 43 -8.07 -17.47 -7.70
N LEU C 44 -6.84 -17.00 -7.51
CA LEU C 44 -5.66 -17.71 -8.01
C LEU C 44 -5.64 -19.16 -7.53
N LEU C 45 -5.86 -19.36 -6.24
CA LEU C 45 -5.77 -20.70 -5.66
C LEU C 45 -7.03 -21.52 -5.86
N THR C 46 -8.11 -20.89 -6.31
CA THR C 46 -9.26 -21.65 -6.81
C THR C 46 -8.92 -22.30 -8.15
N LEU C 47 -8.14 -21.61 -8.99
CA LEU C 47 -7.79 -22.08 -10.32
C LEU C 47 -6.57 -23.00 -10.31
N ASN C 48 -5.53 -22.67 -9.53
CA ASN C 48 -4.35 -23.51 -9.38
C ASN C 48 -4.08 -23.71 -7.90
N PRO C 49 -4.80 -24.60 -7.24
CA PRO C 49 -4.62 -24.80 -5.79
C PRO C 49 -3.23 -25.27 -5.39
N GLU C 50 -2.40 -25.69 -6.33
CA GLU C 50 -1.06 -26.17 -6.02
C GLU C 50 0.00 -25.08 -6.15
N HIS C 51 -0.41 -23.83 -6.37
CA HIS C 51 0.53 -22.72 -6.53
C HIS C 51 1.18 -22.40 -5.19
N LEU C 52 2.46 -22.76 -5.04
CA LEU C 52 3.10 -22.66 -3.74
C LEU C 52 3.35 -21.22 -3.32
N ALA C 53 3.75 -20.36 -4.26
CA ALA C 53 3.95 -18.96 -3.90
C ALA C 53 2.64 -18.29 -3.51
N GLY C 54 1.54 -18.67 -4.17
CA GLY C 54 0.26 -18.10 -3.82
C GLY C 54 -0.22 -18.51 -2.44
N ARG C 55 0.01 -19.79 -2.09
CA ARG C 55 -0.34 -20.27 -0.75
C ARG C 55 0.38 -19.47 0.32
N ARG C 56 1.69 -19.28 0.16
CA ARG C 56 2.47 -18.55 1.17
C ARG C 56 2.00 -17.11 1.29
N CYS C 57 1.74 -16.46 0.16
CA CYS C 57 1.30 -15.07 0.16
C CYS C 57 -0.08 -14.94 0.79
N ARG C 58 -1.02 -15.79 0.39
CA ARG C 58 -2.38 -15.73 0.94
C ARG C 58 -2.38 -15.98 2.45
N LEU C 59 -1.52 -16.88 2.93
CA LEU C 59 -1.48 -17.17 4.37
C LEU C 59 -1.13 -15.91 5.16
N VAL C 60 -0.06 -15.21 4.77
CA VAL C 60 0.29 -13.97 5.47
C VAL C 60 -0.82 -12.94 5.28
N ALA C 61 -1.44 -12.91 4.10
CA ALA C 61 -2.57 -12.04 3.88
C ALA C 61 -3.71 -12.37 4.84
N LEU C 62 -4.04 -13.66 4.99
CA LEU C 62 -5.04 -14.06 5.97
C LEU C 62 -4.64 -13.61 7.37
N LEU C 63 -3.35 -13.70 7.70
CA LEU C 63 -2.90 -13.22 8.99
C LEU C 63 -3.19 -11.74 9.17
N ASN C 64 -2.89 -10.93 8.14
CA ASN C 64 -3.08 -9.49 8.28
C ASN C 64 -4.55 -9.08 8.21
N ASN C 65 -5.43 -9.96 7.72
CA ASN C 65 -6.86 -9.70 7.66
C ASN C 65 -7.62 -10.29 8.85
N ASN C 66 -6.90 -10.73 9.89
CA ASN C 66 -7.51 -11.27 11.10
C ASN C 66 -8.34 -12.52 10.81
N GLN C 67 -7.85 -13.36 9.90
CA GLN C 67 -8.51 -14.62 9.58
C GLN C 67 -7.66 -15.77 10.09
N GLY C 68 -7.58 -15.88 11.43
CA GLY C 68 -6.69 -16.85 12.03
C GLY C 68 -7.11 -18.29 11.81
N GLU C 69 -8.43 -18.55 11.75
CA GLU C 69 -8.88 -19.92 11.54
C GLU C 69 -8.49 -20.43 10.17
N ARG C 70 -8.71 -19.63 9.12
CA ARG C 70 -8.24 -20.01 7.80
C ARG C 70 -6.72 -20.05 7.73
N ALA C 71 -6.06 -19.08 8.38
CA ALA C 71 -4.60 -19.03 8.36
C ALA C 71 -3.99 -20.29 8.94
N GLU C 72 -4.52 -20.77 10.07
CA GLU C 72 -3.98 -21.99 10.67
C GLU C 72 -4.17 -23.19 9.76
N LYS C 73 -5.30 -23.25 9.05
CA LYS C 73 -5.54 -24.34 8.13
C LYS C 73 -4.60 -24.30 6.93
N GLU C 74 -4.24 -23.10 6.48
CA GLU C 74 -3.27 -22.99 5.41
C GLU C 74 -1.88 -23.38 5.88
N ALA C 75 -1.52 -23.05 7.12
CA ALA C 75 -0.21 -23.44 7.63
C ALA C 75 -0.09 -24.95 7.69
N GLN C 76 -1.15 -25.63 8.16
CA GLN C 76 -1.15 -27.09 8.16
C GLN C 76 -1.03 -27.64 6.75
N TRP C 77 -1.64 -26.97 5.77
CA TRP C 77 -1.52 -27.40 4.38
C TRP C 77 -0.07 -27.36 3.93
N LEU C 78 0.62 -26.25 4.21
CA LEU C 78 2.04 -26.14 3.89
C LEU C 78 2.85 -27.19 4.64
N ILE C 79 2.57 -27.39 5.92
CA ILE C 79 3.33 -28.38 6.69
C ILE C 79 3.04 -29.78 6.17
N SER C 80 1.83 -30.05 5.72
CA SER C 80 1.53 -31.36 5.16
C SER C 80 2.33 -31.63 3.90
N HIS C 81 2.73 -30.58 3.18
CA HIS C 81 3.53 -30.76 1.98
C HIS C 81 5.03 -30.75 2.26
N ASP C 82 5.47 -29.94 3.22
CA ASP C 82 6.89 -29.80 3.54
C ASP C 82 7.02 -29.36 4.98
N PRO C 83 7.14 -30.30 5.92
CA PRO C 83 7.27 -29.95 7.34
C PRO C 83 8.63 -29.41 7.74
N LEU C 84 9.60 -29.38 6.81
CA LEU C 84 10.95 -28.96 7.13
C LEU C 84 11.23 -27.50 6.77
N GLN C 85 10.27 -26.83 6.15
CA GLN C 85 10.41 -25.41 5.82
C GLN C 85 10.08 -24.58 7.05
N ALA C 86 11.09 -23.88 7.58
CA ALA C 86 10.91 -23.13 8.83
C ALA C 86 9.78 -22.10 8.72
N GLY C 87 9.62 -21.50 7.55
CA GLY C 87 8.59 -20.47 7.39
C GLY C 87 7.19 -20.98 7.65
N ASN C 88 6.95 -22.26 7.36
CA ASN C 88 5.63 -22.83 7.63
C ASN C 88 5.30 -22.77 9.12
N TRP C 89 6.30 -23.00 9.97
CA TRP C 89 6.06 -23.05 11.41
C TRP C 89 5.94 -21.66 12.02
N LEU C 90 6.59 -20.66 11.42
CA LEU C 90 6.33 -19.29 11.86
C LEU C 90 4.90 -18.88 11.57
N CYS C 91 4.38 -19.28 10.39
CA CYS C 91 3.00 -18.97 10.04
C CYS C 91 2.01 -19.68 10.96
N LEU C 92 2.24 -20.96 11.24
CA LEU C 92 1.37 -21.67 12.17
C LEU C 92 1.37 -21.02 13.54
N SER C 93 2.55 -20.56 14.01
CA SER C 93 2.65 -19.92 15.31
C SER C 93 1.81 -18.65 15.35
N ARG C 94 1.96 -17.79 14.35
CA ARG C 94 1.24 -16.52 14.33
C ARG C 94 -0.26 -16.73 14.21
N ALA C 95 -0.68 -17.77 13.48
CA ALA C 95 -2.11 -18.05 13.34
C ALA C 95 -2.69 -18.57 14.66
N GLN C 96 -2.00 -19.49 15.31
CA GLN C 96 -2.45 -19.97 16.61
C GLN C 96 -2.44 -18.85 17.65
N GLN C 97 -1.49 -17.92 17.54
CA GLN C 97 -1.50 -16.75 18.40
C GLN C 97 -2.77 -15.92 18.20
N LEU C 98 -3.20 -15.77 16.94
CA LEU C 98 -4.43 -15.04 16.65
C LEU C 98 -5.66 -15.75 17.18
N ASN C 99 -5.70 -17.09 17.06
CA ASN C 99 -6.82 -17.86 17.55
C ASN C 99 -6.86 -17.96 19.07
N GLY C 100 -5.84 -17.48 19.77
CA GLY C 100 -5.80 -17.52 21.21
C GLY C 100 -5.15 -18.75 21.81
N ASP C 101 -4.58 -19.64 20.98
CA ASP C 101 -3.88 -20.82 21.47
C ASP C 101 -2.42 -20.45 21.70
N LEU C 102 -2.16 -19.80 22.85
CA LEU C 102 -0.83 -19.29 23.13
C LEU C 102 0.18 -20.41 23.32
N ASP C 103 -0.19 -21.46 24.05
CA ASP C 103 0.73 -22.56 24.29
C ASP C 103 1.13 -23.24 22.98
N LYS C 104 0.14 -23.56 22.14
CA LYS C 104 0.45 -24.13 20.83
C LYS C 104 1.31 -23.20 20.01
N ALA C 105 0.97 -21.89 20.02
CA ALA C 105 1.73 -20.94 19.23
C ALA C 105 3.18 -20.86 19.66
N ARG C 106 3.45 -21.02 20.97
CA ARG C 106 4.83 -21.02 21.43
C ARG C 106 5.57 -22.27 20.96
N HIS C 107 4.89 -23.41 20.95
CA HIS C 107 5.55 -24.63 20.48
C HIS C 107 5.93 -24.52 19.00
N ALA C 108 5.05 -23.98 18.17
CA ALA C 108 5.37 -23.83 16.75
C ALA C 108 6.52 -22.86 16.55
N TYR C 109 6.57 -21.78 17.34
CA TYR C 109 7.66 -20.82 17.22
C TYR C 109 8.98 -21.43 17.66
N GLN C 110 8.95 -22.31 18.65
CA GLN C 110 10.18 -22.98 19.08
C GLN C 110 10.73 -23.86 17.97
N HIS C 111 9.86 -24.58 17.27
CA HIS C 111 10.32 -25.43 16.18
C HIS C 111 10.76 -24.61 14.98
N TYR C 112 10.15 -23.45 14.76
CA TYR C 112 10.65 -22.54 13.73
C TYR C 112 12.08 -22.13 14.00
N LEU C 113 12.39 -21.76 15.24
CA LEU C 113 13.77 -21.40 15.59
C LEU C 113 14.72 -22.57 15.41
N GLU C 114 14.26 -23.79 15.67
CA GLU C 114 15.11 -24.97 15.49
C GLU C 114 15.44 -25.17 14.02
N LEU C 115 14.42 -25.16 13.15
CA LEU C 115 14.65 -25.36 11.73
C LEU C 115 15.47 -24.22 11.13
N LYS C 116 15.18 -22.98 11.54
CA LYS C 116 15.92 -21.84 11.01
C LYS C 116 17.40 -21.92 11.39
N ASP C 117 17.70 -22.28 12.63
CA ASP C 117 19.07 -22.38 13.09
C ASP C 117 19.71 -23.74 12.79
N HIS C 118 18.95 -24.69 12.26
CA HIS C 118 19.41 -26.05 12.02
C HIS C 118 19.94 -26.70 13.29
N ASN C 119 19.42 -26.27 14.44
CA ASN C 119 19.81 -26.80 15.74
C ASN C 119 18.57 -27.44 16.38
N GLU C 120 18.17 -28.59 15.83
CA GLU C 120 16.95 -29.27 16.25
C GLU C 120 17.26 -30.45 17.17
N SER C 121 16.36 -30.69 18.12
CA SER C 121 16.44 -31.80 19.05
C SER C 121 15.09 -32.49 19.11
N PRO C 122 15.08 -33.83 19.31
CA PRO C 122 13.83 -34.60 19.30
C PRO C 122 12.94 -34.34 20.52
N ARG D 18 17.78 -9.77 23.69
CA ARG D 18 16.45 -10.32 23.97
C ARG D 18 16.38 -11.77 23.54
N LEU D 19 15.68 -12.58 24.34
CA LEU D 19 15.64 -14.03 24.11
C LEU D 19 15.02 -14.38 22.76
N TYR D 20 13.95 -13.68 22.39
CA TYR D 20 13.17 -14.05 21.20
C TYR D 20 13.04 -12.84 20.28
N PRO D 21 13.60 -12.90 19.06
CA PRO D 21 13.42 -11.79 18.13
C PRO D 21 11.99 -11.66 17.65
N GLU D 22 11.20 -10.82 18.32
CA GLU D 22 9.78 -10.77 18.01
C GLU D 22 9.47 -9.82 16.86
N ARG D 23 10.19 -8.70 16.77
CA ARG D 23 10.00 -7.81 15.63
C ARG D 23 10.65 -8.34 14.36
N LEU D 24 11.68 -9.18 14.47
CA LEU D 24 12.18 -9.89 13.31
C LEU D 24 11.14 -10.86 12.74
N ALA D 25 10.18 -11.30 13.56
CA ALA D 25 9.19 -12.26 13.11
C ALA D 25 8.22 -11.63 12.10
N ASP D 26 7.78 -10.39 12.35
CA ASP D 26 6.94 -9.71 11.37
C ASP D 26 7.64 -9.60 10.02
N ARG D 27 8.92 -9.24 10.03
CA ARG D 27 9.67 -9.15 8.78
C ARG D 27 9.84 -10.51 8.14
N ALA D 28 10.09 -11.55 8.95
CA ALA D 28 10.24 -12.89 8.40
C ALA D 28 8.96 -13.39 7.74
N LEU D 29 7.79 -13.01 8.28
CA LEU D 29 6.53 -13.39 7.66
C LEU D 29 6.38 -12.74 6.29
N LEU D 30 6.67 -11.44 6.20
CA LEU D 30 6.50 -10.72 4.95
C LEU D 30 7.53 -11.13 3.91
N ASP D 31 8.74 -11.49 4.34
CA ASP D 31 9.70 -12.09 3.42
C ASP D 31 9.20 -13.44 2.91
N PHE D 32 8.55 -14.22 3.78
CA PHE D 32 8.01 -15.50 3.38
C PHE D 32 6.93 -15.35 2.32
N ALA D 33 6.16 -14.25 2.37
CA ALA D 33 5.08 -14.04 1.43
C ALA D 33 5.54 -13.43 0.11
N THR D 34 6.72 -12.83 0.09
CA THR D 34 7.21 -12.14 -1.09
C THR D 34 7.61 -13.14 -2.17
N PRO D 35 6.99 -13.10 -3.35
CA PRO D 35 7.40 -14.01 -4.43
C PRO D 35 8.65 -13.53 -5.13
N HIS D 36 9.39 -14.49 -5.68
CA HIS D 36 10.61 -14.21 -6.44
C HIS D 36 10.48 -14.65 -7.88
N ASP D 47 3.24 -5.40 -21.06
CA ASP D 47 2.45 -4.21 -20.78
C ASP D 47 1.42 -4.50 -19.69
N PHE D 48 1.34 -3.59 -18.71
CA PHE D 48 0.52 -3.83 -17.52
C PHE D 48 -0.96 -3.68 -17.84
N HIS D 49 -1.32 -2.64 -18.60
CA HIS D 49 -2.72 -2.39 -18.91
C HIS D 49 -3.36 -3.56 -19.63
N GLN D 50 -2.61 -4.18 -20.56
CA GLN D 50 -3.17 -5.28 -21.32
C GLN D 50 -3.24 -6.56 -20.51
N ALA D 51 -2.22 -6.85 -19.70
CA ALA D 51 -2.25 -8.02 -18.85
C ALA D 51 -3.39 -7.97 -17.85
N MET D 52 -3.73 -6.78 -17.37
CA MET D 52 -4.86 -6.66 -16.45
C MET D 52 -6.17 -7.01 -17.12
N GLN D 53 -6.37 -6.54 -18.36
CA GLN D 53 -7.63 -6.81 -19.03
C GLN D 53 -7.75 -8.28 -19.44
N GLY D 54 -6.64 -8.90 -19.86
CA GLY D 54 -6.66 -10.32 -20.12
C GLY D 54 -6.97 -11.13 -18.87
N LEU D 55 -6.51 -10.66 -17.72
CA LEU D 55 -6.86 -11.29 -16.46
C LEU D 55 -8.31 -11.04 -16.10
N ARG D 56 -8.81 -9.83 -16.34
CA ARG D 56 -10.21 -9.54 -16.05
C ARG D 56 -11.14 -10.35 -16.95
N SER D 57 -10.80 -10.48 -18.23
CA SER D 57 -11.67 -11.18 -19.17
C SER D 57 -11.74 -12.68 -18.89
N VAL D 58 -10.78 -13.23 -18.17
CA VAL D 58 -10.81 -14.64 -17.80
C VAL D 58 -11.58 -14.85 -16.50
N LEU D 59 -11.31 -14.03 -15.49
CA LEU D 59 -12.02 -14.17 -14.22
C LEU D 59 -13.49 -13.83 -14.36
N ALA D 60 -13.85 -12.93 -15.30
CA ALA D 60 -15.23 -12.53 -15.47
C ALA D 60 -16.13 -13.69 -15.85
N GLU D 61 -15.58 -14.75 -16.45
CA GLU D 61 -16.35 -15.92 -16.84
C GLU D 61 -16.33 -17.00 -15.77
N GLY D 62 -15.89 -16.68 -14.56
CA GLY D 62 -15.86 -17.64 -13.48
C GLY D 62 -17.17 -17.66 -12.71
N GLN D 63 -17.60 -18.87 -12.34
CA GLN D 63 -18.88 -19.05 -11.66
C GLN D 63 -18.74 -19.10 -10.15
N SER D 64 -17.60 -19.52 -9.63
CA SER D 64 -17.42 -19.60 -8.18
C SER D 64 -17.37 -18.21 -7.58
N PRO D 65 -17.82 -18.05 -6.33
CA PRO D 65 -17.77 -16.72 -5.70
C PRO D 65 -16.36 -16.18 -5.54
N GLU D 66 -15.35 -17.03 -5.56
CA GLU D 66 -13.97 -16.53 -5.47
C GLU D 66 -13.60 -15.74 -6.72
N LEU D 67 -13.87 -16.31 -7.90
CA LEU D 67 -13.54 -15.60 -9.13
C LEU D 67 -14.44 -14.38 -9.32
N ARG D 68 -15.70 -14.47 -8.89
CA ARG D 68 -16.61 -13.35 -9.05
C ARG D 68 -16.18 -12.16 -8.20
N ALA D 69 -15.77 -12.43 -6.95
CA ALA D 69 -15.27 -11.35 -6.09
C ALA D 69 -14.02 -10.72 -6.65
N ALA D 70 -13.15 -11.52 -7.28
CA ALA D 70 -11.91 -10.98 -7.82
C ALA D 70 -12.17 -10.16 -9.08
N ALA D 71 -13.08 -10.63 -9.94
CA ALA D 71 -13.42 -9.86 -11.14
C ALA D 71 -14.06 -8.53 -10.78
N ILE D 72 -14.91 -8.52 -9.76
CA ILE D 72 -15.50 -7.26 -9.29
C ILE D 72 -14.42 -6.35 -8.72
N LEU D 73 -13.49 -6.91 -7.95
CA LEU D 73 -12.43 -6.09 -7.35
C LEU D 73 -11.51 -5.53 -8.41
N LEU D 74 -11.09 -6.36 -9.37
CA LEU D 74 -10.25 -5.86 -10.46
C LEU D 74 -10.96 -4.78 -11.26
N GLU D 75 -12.28 -4.88 -11.41
CA GLU D 75 -13.02 -3.85 -12.12
C GLU D 75 -13.05 -2.55 -11.32
N GLN D 76 -13.20 -2.66 -10.01
CA GLN D 76 -13.19 -1.47 -9.16
C GLN D 76 -11.83 -0.80 -9.16
N MET D 77 -10.75 -1.57 -9.24
CA MET D 77 -9.40 -1.04 -9.26
C MET D 77 -8.96 -0.61 -10.65
N HIS D 78 -9.88 -0.58 -11.63
CA HIS D 78 -9.49 -0.17 -12.98
C HIS D 78 -8.97 1.26 -13.00
N ALA D 79 -9.58 2.15 -12.22
CA ALA D 79 -9.13 3.54 -12.18
C ALA D 79 -7.73 3.67 -11.61
N ASP D 80 -7.25 2.69 -10.84
CA ASP D 80 -5.97 2.77 -10.15
C ASP D 80 -4.88 1.96 -10.83
N GLU D 81 -5.05 1.58 -12.10
CA GLU D 81 -4.05 0.75 -12.75
C GLU D 81 -2.73 1.48 -12.92
N GLN D 82 -2.78 2.80 -13.14
CA GLN D 82 -1.55 3.57 -13.25
CA GLN D 82 -1.55 3.57 -13.25
C GLN D 82 -0.80 3.59 -11.92
N LEU D 83 -1.53 3.71 -10.81
CA LEU D 83 -0.88 3.68 -9.50
C LEU D 83 -0.35 2.28 -9.20
N MET D 84 -1.11 1.24 -9.55
CA MET D 84 -0.65 -0.12 -9.30
C MET D 84 0.61 -0.42 -10.09
N GLN D 85 0.64 -0.04 -11.37
CA GLN D 85 1.82 -0.29 -12.20
C GLN D 85 3.04 0.43 -11.63
N MET D 86 2.89 1.71 -11.31
CA MET D 86 4.01 2.49 -10.79
C MET D 86 4.55 1.88 -9.51
N THR D 87 3.68 1.61 -8.54
CA THR D 87 4.15 1.05 -7.28
C THR D 87 4.77 -0.32 -7.46
N LEU D 88 4.16 -1.16 -8.31
CA LEU D 88 4.79 -2.45 -8.62
C LEU D 88 6.14 -2.27 -9.30
N HIS D 89 6.28 -1.20 -10.09
CA HIS D 89 7.59 -0.91 -10.67
C HIS D 89 8.58 -0.46 -9.60
N LEU D 90 8.14 0.43 -8.70
CA LEU D 90 9.03 0.90 -7.64
C LEU D 90 9.43 -0.24 -6.70
N LEU D 91 8.55 -1.24 -6.54
CA LEU D 91 8.89 -2.45 -5.82
C LEU D 91 9.71 -3.42 -6.66
N HIS D 92 10.08 -3.03 -7.89
CA HIS D 92 10.96 -3.82 -8.75
C HIS D 92 10.35 -5.19 -9.06
N LYS D 93 9.03 -5.20 -9.29
CA LYS D 93 8.32 -6.42 -9.69
C LYS D 93 7.70 -6.34 -11.08
N VAL D 94 7.65 -5.17 -11.70
CA VAL D 94 7.15 -5.04 -13.06
C VAL D 94 8.13 -4.21 -13.90
#